data_5ONJ
#
_entry.id   5ONJ
#
_cell.length_a   38.592
_cell.length_b   47.651
_cell.length_c   99.328
_cell.angle_alpha   90.00
_cell.angle_beta   90.00
_cell.angle_gamma   90.00
#
_symmetry.space_group_name_H-M   'P 21 21 21'
#
loop_
_entity.id
_entity.type
_entity.pdbx_description
1 polymer YndL
2 polymer (2R,3S,4R,5R,6R)-6-((1R,2R,3S,4R,6S)-4,6-DIAMINO-2,3-DIHYDROXYCYCLOHEXYLOXY)-5-AMINO-2-(AMINOMETHYL)-TETRAHYDRO-2H-PYRAN-3,4-DIOL
3 non-polymer 'ZINC ION'
4 water water
#
loop_
_entity_poly.entity_id
_entity_poly.type
_entity_poly.pdbx_seq_one_letter_code
_entity_poly.pdbx_strand_id
1 'polypeptide(L)'
;SSIYAEDVYQNFEELKNNEDPSDYGVVTKETGSPVLVLAIHGGGIEGGTSEVARELSKEYSMYLFEGLKSAGNSVLHITS
THFDEPRALKMTGNHEYVISLHGYAEEDQQIEVGGTDRVRAADLVEKLQHAGFPAVLLNMDHPHAGVSPNNIANKSKTGL
SIQIEMSTGFRKSLFGIFSLKSRAVTQNERFYEFTEVMFRFLKNSYLEHHHHHH
;
A
2 'polypeptide(L)' E(GGL)(GGL)(GGL)(GGL)(GGL) D
#
# COMPACT_ATOMS: atom_id res chain seq x y z
N GLU A 6 6.14 -18.11 3.81
CA GLU A 6 6.91 -17.83 5.02
C GLU A 6 7.76 -16.57 4.84
N ASP A 7 7.63 -15.63 5.77
CA ASP A 7 8.49 -14.46 5.80
C ASP A 7 9.82 -14.82 6.46
N VAL A 8 10.86 -14.08 6.12
CA VAL A 8 12.14 -14.29 6.78
C VAL A 8 12.07 -13.90 8.25
N TYR A 9 11.36 -12.80 8.56
CA TYR A 9 11.27 -12.27 9.91
C TYR A 9 9.82 -12.30 10.40
N GLN A 10 9.64 -12.57 11.71
CA GLN A 10 8.31 -12.70 12.28
C GLN A 10 7.70 -11.39 12.77
N ASN A 11 8.52 -10.35 12.98
CA ASN A 11 8.03 -9.05 13.42
C ASN A 11 9.13 -8.03 13.16
N PHE A 12 8.81 -6.76 13.41
CA PHE A 12 9.75 -5.70 13.07
C PHE A 12 10.99 -5.75 13.96
N GLU A 13 10.81 -6.09 15.24
CA GLU A 13 11.95 -6.21 16.14
C GLU A 13 12.97 -7.19 15.59
N GLU A 14 12.51 -8.33 15.06
CA GLU A 14 13.46 -9.31 14.53
C GLU A 14 14.15 -8.77 13.28
N LEU A 15 13.38 -8.13 12.38
CA LEU A 15 13.98 -7.54 11.20
C LEU A 15 15.04 -6.52 11.59
N LYS A 16 14.69 -5.62 12.50
CA LYS A 16 15.63 -4.59 12.95
C LYS A 16 16.88 -5.21 13.57
N ASN A 17 16.75 -6.35 14.24
CA ASN A 17 17.91 -6.98 14.87
C ASN A 17 18.82 -7.67 13.88
N ASN A 18 18.34 -7.91 12.66
CA ASN A 18 19.05 -8.74 11.69
C ASN A 18 19.51 -7.98 10.45
N GLU A 19 19.01 -6.78 10.23
CA GLU A 19 19.27 -6.05 8.99
C GLU A 19 19.96 -4.74 9.32
N ASP A 20 20.86 -4.33 8.42
CA ASP A 20 21.48 -3.01 8.54
C ASP A 20 20.44 -1.92 8.36
N PRO A 21 20.42 -0.89 9.22
CA PRO A 21 19.35 0.12 9.11
C PRO A 21 19.40 0.90 7.80
N SER A 22 20.52 0.91 7.09
CA SER A 22 20.56 1.58 5.79
C SER A 22 19.78 0.82 4.72
N ASP A 23 19.41 -0.43 4.98
CA ASP A 23 18.76 -1.25 3.97
C ASP A 23 17.24 -1.14 3.99
N TYR A 24 16.68 -0.36 4.90
CA TYR A 24 15.24 -0.14 4.92
C TYR A 24 15.00 1.25 5.48
N GLY A 25 13.78 1.74 5.27
CA GLY A 25 13.49 3.07 5.74
C GLY A 25 12.03 3.26 6.04
N VAL A 26 11.73 3.85 7.19
CA VAL A 26 10.36 4.18 7.59
C VAL A 26 10.17 5.65 7.34
N VAL A 27 9.07 6.01 6.67
CA VAL A 27 8.81 7.43 6.38
C VAL A 27 7.35 7.73 6.66
N THR A 28 7.11 8.86 7.34
CA THR A 28 5.77 9.23 7.75
C THR A 28 5.46 10.65 7.29
N LYS A 29 4.17 10.90 7.06
CA LYS A 29 3.67 12.26 6.87
C LYS A 29 2.36 12.34 7.64
N GLU A 30 2.32 13.20 8.64
CA GLU A 30 1.17 13.31 9.52
C GLU A 30 0.54 14.68 9.27
N THR A 31 -0.70 14.69 8.82
CA THR A 31 -1.42 15.91 8.49
C THR A 31 -2.71 16.06 9.27
N GLY A 32 -3.07 15.08 10.11
CA GLY A 32 -4.34 15.10 10.80
C GLY A 32 -5.52 14.64 9.96
N SER A 33 -5.32 14.26 8.71
CA SER A 33 -6.42 13.80 7.88
C SER A 33 -7.03 12.54 8.48
N PRO A 34 -8.35 12.37 8.42
CA PRO A 34 -8.94 11.12 8.94
C PRO A 34 -8.38 9.88 8.26
N VAL A 35 -8.10 9.96 6.96
CA VAL A 35 -7.62 8.82 6.19
C VAL A 35 -6.09 8.76 6.27
N LEU A 36 -5.57 7.54 6.46
CA LEU A 36 -4.13 7.25 6.37
C LEU A 36 -3.87 6.36 5.17
N VAL A 37 -2.88 6.73 4.35
CA VAL A 37 -2.42 5.88 3.26
C VAL A 37 -1.23 5.08 3.77
N LEU A 38 -1.30 3.76 3.66
CA LEU A 38 -0.34 2.85 4.28
C LEU A 38 0.32 1.99 3.21
N ALA A 39 1.64 2.01 3.15
CA ALA A 39 2.40 1.15 2.23
C ALA A 39 3.52 0.51 3.04
N ILE A 40 3.28 -0.69 3.58
CA ILE A 40 4.25 -1.35 4.45
C ILE A 40 5.22 -2.23 3.67
N HIS A 41 5.04 -2.34 2.35
CA HIS A 41 5.90 -3.16 1.51
C HIS A 41 6.44 -2.32 0.36
N GLY A 42 6.90 -1.12 0.71
CA GLY A 42 7.39 -0.18 -0.28
C GLY A 42 8.82 -0.50 -0.71
N GLY A 43 9.40 0.47 -1.43
CA GLY A 43 10.73 0.26 -1.96
C GLY A 43 10.73 -0.88 -2.95
N GLY A 44 11.76 -1.69 -2.89
CA GLY A 44 11.88 -2.83 -3.77
C GLY A 44 11.12 -4.06 -3.33
N ILE A 45 10.36 -3.99 -2.24
CA ILE A 45 9.60 -5.16 -1.80
C ILE A 45 8.44 -5.41 -2.75
N GLU A 46 7.53 -4.45 -2.87
CA GLU A 46 6.45 -4.51 -3.85
C GLU A 46 6.55 -3.20 -4.64
N GLY A 47 7.33 -3.25 -5.72
CA GLY A 47 7.77 -2.03 -6.37
C GLY A 47 6.61 -1.23 -6.94
N GLY A 48 6.67 0.09 -6.72
CA GLY A 48 5.64 1.00 -7.14
C GLY A 48 4.69 1.41 -6.04
N THR A 49 4.62 0.65 -4.94
CA THR A 49 3.74 1.06 -3.86
C THR A 49 4.27 2.31 -3.16
N SER A 50 5.60 2.50 -3.14
CA SER A 50 6.16 3.76 -2.61
C SER A 50 5.68 4.95 -3.43
N GLU A 51 5.77 4.84 -4.75
CA GLU A 51 5.41 5.97 -5.60
C GLU A 51 3.93 6.31 -5.53
N VAL A 52 3.06 5.30 -5.48
CA VAL A 52 1.64 5.57 -5.33
C VAL A 52 1.38 6.27 -4.00
N ALA A 53 2.00 5.75 -2.93
CA ALA A 53 1.80 6.32 -1.60
C ALA A 53 2.26 7.78 -1.54
N ARG A 54 3.45 8.05 -2.07
CA ARG A 54 4.00 9.41 -2.01
C ARG A 54 3.14 10.39 -2.79
N GLU A 55 2.62 9.97 -3.95
CA GLU A 55 1.70 10.85 -4.67
C GLU A 55 0.46 11.16 -3.85
N LEU A 56 -0.17 10.13 -3.26
CA LEU A 56 -1.37 10.37 -2.47
C LEU A 56 -1.07 11.18 -1.22
N SER A 57 0.18 11.12 -0.73
CA SER A 57 0.54 11.91 0.45
C SER A 57 0.44 13.40 0.18
N LYS A 58 0.33 13.82 -1.08
CA LYS A 58 0.11 15.23 -1.35
C LYS A 58 -1.18 15.74 -0.72
N GLU A 59 -2.12 14.85 -0.40
CA GLU A 59 -3.37 15.23 0.23
C GLU A 59 -3.68 14.49 1.52
N TYR A 60 -2.99 13.38 1.82
CA TYR A 60 -3.35 12.53 2.93
C TYR A 60 -2.11 12.16 3.74
N SER A 61 -2.34 11.87 5.01
CA SER A 61 -1.30 11.30 5.85
C SER A 61 -0.82 9.97 5.28
N MET A 62 0.43 9.63 5.56
CA MET A 62 1.09 8.54 4.88
C MET A 62 2.01 7.79 5.84
N TYR A 63 1.94 6.47 5.82
CA TYR A 63 2.99 5.65 6.43
C TYR A 63 3.62 4.80 5.33
N LEU A 64 4.96 4.79 5.27
CA LEU A 64 5.68 4.03 4.26
C LEU A 64 6.82 3.26 4.93
N PHE A 65 6.90 1.96 4.67
CA PHE A 65 8.07 1.16 4.99
C PHE A 65 8.69 0.69 3.68
N GLU A 66 9.95 1.04 3.43
CA GLU A 66 10.59 0.76 2.15
C GLU A 66 11.77 -0.19 2.28
N GLY A 67 11.82 -1.21 1.43
CA GLY A 67 13.04 -1.97 1.28
C GLY A 67 13.98 -1.27 0.34
N LEU A 68 15.21 -0.97 0.78
CA LEU A 68 16.12 -0.13 0.02
C LEU A 68 17.34 -0.89 -0.52
N LYS A 69 17.30 -2.22 -0.52
CA LYS A 69 18.41 -3.00 -1.03
C LYS A 69 18.47 -2.93 -2.54
N SER A 70 19.68 -3.12 -3.10
N SER A 70 19.68 -3.12 -3.09
CA SER A 70 19.79 -3.22 -4.55
CA SER A 70 19.82 -3.23 -4.54
C SER A 70 19.11 -4.49 -5.06
C SER A 70 19.13 -4.50 -5.06
N ALA A 71 19.07 -5.53 -4.23
CA ALA A 71 18.40 -6.78 -4.57
C ALA A 71 18.09 -7.51 -3.28
N GLY A 72 17.13 -8.43 -3.34
CA GLY A 72 16.79 -9.23 -2.18
C GLY A 72 15.86 -8.58 -1.17
N ASN A 73 15.12 -7.54 -1.57
CA ASN A 73 14.20 -6.88 -0.66
C ASN A 73 13.05 -7.79 -0.20
N SER A 74 12.84 -8.92 -0.89
N SER A 74 12.83 -8.92 -0.90
CA SER A 74 11.82 -9.88 -0.46
CA SER A 74 11.80 -9.86 -0.46
C SER A 74 12.00 -10.31 0.97
C SER A 74 12.00 -10.30 0.98
N VAL A 75 13.24 -10.31 1.47
CA VAL A 75 13.49 -10.73 2.85
C VAL A 75 12.97 -9.73 3.86
N LEU A 76 12.63 -8.53 3.40
CA LEU A 76 12.13 -7.48 4.28
C LEU A 76 10.61 -7.44 4.33
N HIS A 77 9.93 -8.30 3.58
CA HIS A 77 8.47 -8.39 3.63
C HIS A 77 8.03 -9.00 4.95
N ILE A 78 7.24 -8.24 5.73
CA ILE A 78 6.55 -8.80 6.90
C ILE A 78 5.06 -8.68 6.61
N THR A 79 4.36 -9.81 6.63
CA THR A 79 2.95 -9.80 6.25
C THR A 79 2.14 -8.94 7.23
N SER A 80 1.04 -8.38 6.72
CA SER A 80 0.28 -7.35 7.43
C SER A 80 -0.09 -7.75 8.86
N THR A 81 -0.47 -9.02 9.06
CA THR A 81 -0.88 -9.45 10.41
C THR A 81 0.28 -9.60 11.38
N HIS A 82 1.54 -9.55 10.88
CA HIS A 82 2.72 -9.53 11.73
C HIS A 82 3.40 -8.17 11.80
N PHE A 83 2.93 -7.19 11.03
CA PHE A 83 3.69 -5.95 10.87
C PHE A 83 3.39 -5.02 12.03
N ASP A 84 4.40 -4.77 12.87
CA ASP A 84 4.24 -4.10 14.16
C ASP A 84 5.31 -3.04 14.39
N GLU A 85 5.88 -2.50 13.31
CA GLU A 85 6.84 -1.42 13.46
C GLU A 85 6.21 -0.29 14.28
N PRO A 86 6.93 0.27 15.25
CA PRO A 86 6.26 1.15 16.23
C PRO A 86 5.65 2.40 15.62
N ARG A 87 6.29 3.00 14.62
CA ARG A 87 5.73 4.20 14.01
C ARG A 87 4.45 3.89 13.25
N ALA A 88 4.34 2.68 12.69
CA ALA A 88 3.10 2.25 12.04
C ALA A 88 1.99 2.05 13.05
N LEU A 89 2.30 1.43 14.19
CA LEU A 89 1.29 1.27 15.23
C LEU A 89 0.77 2.63 15.70
N LYS A 90 1.67 3.60 15.87
CA LYS A 90 1.22 4.93 16.27
C LYS A 90 0.36 5.57 15.20
N MET A 91 0.82 5.54 13.94
N MET A 91 0.80 5.53 13.94
CA MET A 91 0.11 6.22 12.86
CA MET A 91 0.07 6.24 12.89
C MET A 91 -1.28 5.62 12.64
C MET A 91 -1.29 5.63 12.66
N THR A 92 -1.37 4.30 12.56
CA THR A 92 -2.66 3.66 12.30
C THR A 92 -3.65 4.00 13.43
N GLY A 93 -3.20 3.88 14.67
CA GLY A 93 -4.08 4.19 15.79
C GLY A 93 -4.52 5.65 15.84
N ASN A 94 -3.73 6.55 15.26
CA ASN A 94 -4.09 7.97 15.22
C ASN A 94 -5.08 8.33 14.13
N HIS A 95 -5.49 7.39 13.28
CA HIS A 95 -6.35 7.76 12.15
C HIS A 95 -7.65 6.97 12.16
N GLU A 96 -8.64 7.56 11.46
CA GLU A 96 -9.99 7.00 11.45
C GLU A 96 -10.07 5.81 10.49
N TYR A 97 -9.44 5.95 9.33
CA TYR A 97 -9.56 5.01 8.23
C TYR A 97 -8.18 4.76 7.63
N VAL A 98 -8.00 3.60 7.02
CA VAL A 98 -6.71 3.25 6.39
C VAL A 98 -6.96 2.72 4.99
N ILE A 99 -6.20 3.22 4.02
CA ILE A 99 -6.07 2.65 2.69
C ILE A 99 -4.68 2.05 2.61
N SER A 100 -4.59 0.74 2.42
N SER A 100 -4.59 0.74 2.35
CA SER A 100 -3.31 0.07 2.36
CA SER A 100 -3.31 0.03 2.40
C SER A 100 -3.00 -0.31 0.92
C SER A 100 -2.95 -0.52 1.02
N LEU A 101 -1.72 -0.24 0.58
CA LEU A 101 -1.25 -0.53 -0.79
C LEU A 101 -0.31 -1.73 -0.79
N HIS A 102 -0.58 -2.69 -1.67
CA HIS A 102 0.25 -3.89 -1.78
C HIS A 102 0.46 -4.22 -3.26
N GLY A 103 1.42 -5.10 -3.49
CA GLY A 103 1.63 -5.68 -4.81
C GLY A 103 1.75 -7.18 -4.74
N TYR A 104 1.17 -7.86 -5.72
CA TYR A 104 1.34 -9.30 -5.85
C TYR A 104 1.85 -9.64 -7.25
N ALA A 105 2.48 -10.81 -7.37
CA ALA A 105 3.11 -11.25 -8.61
C ALA A 105 2.05 -11.72 -9.61
N GLU A 106 1.97 -11.05 -10.76
CA GLU A 106 1.04 -11.42 -11.83
C GLU A 106 1.30 -10.50 -13.03
N GLU A 107 1.42 -11.08 -14.23
CA GLU A 107 1.78 -10.29 -15.41
C GLU A 107 0.58 -9.53 -15.98
N ASP A 108 -0.62 -10.09 -15.90
CA ASP A 108 -1.79 -9.35 -16.33
C ASP A 108 -1.98 -8.14 -15.44
N GLN A 109 -2.60 -7.10 -16.00
CA GLN A 109 -2.92 -5.92 -15.20
C GLN A 109 -4.19 -6.18 -14.41
N GLN A 110 -4.08 -6.18 -13.08
CA GLN A 110 -5.23 -6.41 -12.22
C GLN A 110 -5.07 -5.64 -10.92
N ILE A 111 -6.20 -5.20 -10.36
CA ILE A 111 -6.25 -4.56 -9.05
C ILE A 111 -7.26 -5.33 -8.23
N GLU A 112 -6.84 -5.89 -7.11
CA GLU A 112 -7.73 -6.65 -6.25
C GLU A 112 -8.00 -5.83 -5.00
N VAL A 113 -9.26 -5.53 -4.75
CA VAL A 113 -9.63 -4.64 -3.66
C VAL A 113 -10.33 -5.46 -2.58
N GLY A 114 -9.84 -5.34 -1.36
CA GLY A 114 -10.43 -5.96 -0.20
C GLY A 114 -10.52 -4.96 0.94
N GLY A 115 -10.51 -5.49 2.15
CA GLY A 115 -10.59 -4.68 3.35
C GLY A 115 -11.88 -4.91 4.10
N THR A 116 -11.94 -4.31 5.28
CA THR A 116 -13.09 -4.43 6.17
C THR A 116 -14.21 -3.46 5.85
N ASP A 117 -13.91 -2.39 5.12
CA ASP A 117 -14.88 -1.35 4.76
C ASP A 117 -15.57 -1.78 3.48
N ARG A 118 -16.60 -2.64 3.64
CA ARG A 118 -17.18 -3.32 2.50
C ARG A 118 -17.88 -2.37 1.54
N VAL A 119 -18.60 -1.36 2.05
CA VAL A 119 -19.30 -0.51 1.10
C VAL A 119 -18.32 0.41 0.37
N ARG A 120 -17.25 0.88 1.03
CA ARG A 120 -16.29 1.73 0.35
C ARG A 120 -15.42 0.93 -0.62
N ALA A 121 -15.03 -0.29 -0.24
CA ALA A 121 -14.29 -1.14 -1.16
C ALA A 121 -15.07 -1.41 -2.44
N ALA A 122 -16.36 -1.72 -2.31
CA ALA A 122 -17.19 -1.93 -3.50
C ALA A 122 -17.27 -0.68 -4.36
N ASP A 123 -17.48 0.48 -3.73
CA ASP A 123 -17.55 1.75 -4.46
C ASP A 123 -16.27 2.01 -5.24
N LEU A 124 -15.12 1.82 -4.58
CA LEU A 124 -13.83 1.99 -5.23
C LEU A 124 -13.72 1.11 -6.47
N VAL A 125 -14.09 -0.16 -6.34
CA VAL A 125 -14.02 -1.06 -7.49
C VAL A 125 -14.89 -0.54 -8.62
N GLU A 126 -16.12 -0.12 -8.29
CA GLU A 126 -17.00 0.45 -9.32
C GLU A 126 -16.36 1.68 -9.96
N LYS A 127 -15.79 2.58 -9.16
CA LYS A 127 -15.19 3.78 -9.74
C LYS A 127 -13.99 3.43 -10.61
N LEU A 128 -13.15 2.49 -10.16
CA LEU A 128 -12.01 2.07 -10.96
C LEU A 128 -12.48 1.43 -12.27
N GLN A 129 -13.46 0.52 -12.18
CA GLN A 129 -13.96 -0.13 -13.40
C GLN A 129 -14.52 0.91 -14.38
N HIS A 130 -15.32 1.84 -13.89
CA HIS A 130 -15.92 2.83 -14.79
C HIS A 130 -14.84 3.73 -15.41
N ALA A 131 -13.72 3.90 -14.73
CA ALA A 131 -12.63 4.71 -15.23
C ALA A 131 -11.69 3.91 -16.12
N GLY A 132 -12.00 2.65 -16.38
CA GLY A 132 -11.21 1.84 -17.29
C GLY A 132 -10.07 1.08 -16.65
N PHE A 133 -10.06 0.93 -15.33
CA PHE A 133 -9.02 0.18 -14.64
C PHE A 133 -9.53 -1.20 -14.23
N PRO A 134 -8.59 -2.26 -14.22
CA PRO A 134 -8.98 -3.68 -14.07
C PRO A 134 -9.15 -4.13 -12.62
N ALA A 135 -10.10 -3.52 -11.94
CA ALA A 135 -10.33 -3.79 -10.52
C ALA A 135 -11.39 -4.87 -10.32
N VAL A 136 -11.17 -5.73 -9.32
CA VAL A 136 -12.18 -6.67 -8.85
C VAL A 136 -12.29 -6.56 -7.34
N LEU A 137 -13.48 -6.83 -6.83
CA LEU A 137 -13.74 -6.84 -5.40
C LEU A 137 -13.52 -8.25 -4.84
N LEU A 138 -12.67 -8.35 -3.82
CA LEU A 138 -12.52 -9.60 -3.08
C LEU A 138 -13.52 -9.62 -1.96
N ASN A 139 -14.14 -10.78 -1.74
CA ASN A 139 -15.09 -10.92 -0.65
C ASN A 139 -14.44 -11.64 0.53
N MET A 140 -15.19 -11.78 1.63
CA MET A 140 -14.57 -11.97 2.93
C MET A 140 -13.81 -13.29 3.07
N ASP A 141 -14.18 -14.31 2.30
CA ASP A 141 -13.54 -15.62 2.38
C ASP A 141 -12.42 -15.79 1.36
N HIS A 142 -12.20 -14.80 0.50
CA HIS A 142 -11.06 -14.83 -0.40
C HIS A 142 -9.77 -14.78 0.43
N PRO A 143 -8.73 -15.51 0.05
CA PRO A 143 -7.43 -15.31 0.70
C PRO A 143 -6.98 -13.86 0.55
N HIS A 144 -6.16 -13.41 1.50
CA HIS A 144 -5.67 -12.04 1.54
C HIS A 144 -6.77 -11.01 1.26
N ALA A 145 -7.90 -11.17 1.96
CA ALA A 145 -9.00 -10.22 1.87
C ALA A 145 -8.82 -9.02 2.80
N GLY A 146 -7.78 -9.02 3.63
CA GLY A 146 -7.46 -7.89 4.47
C GLY A 146 -8.39 -7.64 5.64
N VAL A 147 -9.01 -8.69 6.19
CA VAL A 147 -10.04 -8.52 7.19
C VAL A 147 -9.59 -8.90 8.60
N SER A 148 -8.38 -9.40 8.77
CA SER A 148 -7.97 -9.85 10.09
C SER A 148 -7.82 -8.66 11.04
N PRO A 149 -8.28 -8.80 12.30
CA PRO A 149 -8.01 -7.74 13.28
C PRO A 149 -6.53 -7.54 13.52
N ASN A 150 -5.70 -8.55 13.24
CA ASN A 150 -4.26 -8.43 13.41
C ASN A 150 -3.59 -7.69 12.26
N ASN A 151 -4.30 -7.52 11.14
CA ASN A 151 -3.76 -6.78 10.01
C ASN A 151 -3.52 -5.33 10.43
N ILE A 152 -2.28 -4.84 10.23
CA ILE A 152 -1.93 -3.48 10.64
C ILE A 152 -2.93 -2.45 10.12
N ALA A 153 -3.49 -2.67 8.93
CA ALA A 153 -4.38 -1.68 8.32
C ALA A 153 -5.68 -1.52 9.11
N ASN A 154 -6.03 -2.49 9.95
CA ASN A 154 -7.29 -2.45 10.68
C ASN A 154 -7.13 -1.94 12.10
N LYS A 155 -5.91 -1.61 12.53
CA LYS A 155 -5.65 -1.12 13.89
C LYS A 155 -5.83 0.40 13.99
N SER A 156 -6.97 0.87 13.50
CA SER A 156 -7.33 2.28 13.44
C SER A 156 -8.39 2.59 14.48
N LYS A 157 -8.87 3.83 14.47
CA LYS A 157 -9.93 4.20 15.41
C LYS A 157 -11.25 3.51 15.08
N THR A 158 -11.52 3.22 13.80
CA THR A 158 -12.78 2.57 13.43
C THR A 158 -12.63 1.10 13.10
N GLY A 159 -11.44 0.65 12.70
CA GLY A 159 -11.28 -0.68 12.15
C GLY A 159 -11.66 -0.84 10.68
N LEU A 160 -12.02 0.24 10.01
CA LEU A 160 -12.48 0.22 8.62
C LEU A 160 -11.32 0.50 7.66
N SER A 161 -11.04 -0.44 6.76
CA SER A 161 -9.92 -0.33 5.83
C SER A 161 -10.35 -0.70 4.42
N ILE A 162 -9.58 -0.19 3.45
CA ILE A 162 -9.57 -0.69 2.08
C ILE A 162 -8.17 -1.19 1.79
N GLN A 163 -8.06 -2.41 1.27
CA GLN A 163 -6.79 -3.03 0.93
C GLN A 163 -6.71 -3.16 -0.59
N ILE A 164 -5.74 -2.49 -1.20
CA ILE A 164 -5.59 -2.41 -2.64
C ILE A 164 -4.37 -3.23 -3.03
N GLU A 165 -4.58 -4.37 -3.70
CA GLU A 165 -3.48 -5.21 -4.15
C GLU A 165 -3.35 -5.07 -5.66
N MET A 166 -2.18 -4.62 -6.13
CA MET A 166 -1.98 -4.34 -7.54
C MET A 166 -1.02 -5.36 -8.12
N SER A 167 -1.39 -5.93 -9.27
CA SER A 167 -0.51 -6.92 -9.89
C SER A 167 0.78 -6.25 -10.36
N THR A 168 1.81 -7.08 -10.55
CA THR A 168 3.07 -6.60 -11.11
C THR A 168 2.84 -5.90 -12.45
N GLY A 169 2.03 -6.51 -13.31
CA GLY A 169 1.76 -5.92 -14.61
C GLY A 169 1.10 -4.56 -14.51
N PHE A 170 0.15 -4.39 -13.58
CA PHE A 170 -0.46 -3.07 -13.44
C PHE A 170 0.54 -2.04 -12.94
N ARG A 171 1.37 -2.40 -11.95
CA ARG A 171 2.33 -1.43 -11.43
C ARG A 171 3.37 -1.07 -12.47
N LYS A 172 3.85 -2.05 -13.25
CA LYS A 172 4.84 -1.77 -14.29
C LYS A 172 4.28 -0.87 -15.39
N SER A 173 2.96 -0.81 -15.55
CA SER A 173 2.37 0.04 -16.58
C SER A 173 2.46 1.52 -16.24
N LEU A 174 2.82 1.87 -15.01
CA LEU A 174 2.74 3.24 -14.53
C LEU A 174 4.08 3.99 -14.60
N PHE A 175 5.17 3.33 -14.99
CA PHE A 175 6.50 3.91 -14.91
C PHE A 175 7.31 3.60 -16.16
N GLY A 176 8.10 4.58 -16.62
CA GLY A 176 8.99 4.33 -17.74
C GLY A 176 10.10 3.36 -17.41
N ILE A 177 10.68 3.49 -16.22
CA ILE A 177 11.74 2.60 -15.74
C ILE A 177 11.29 2.06 -14.38
N PHE A 178 11.21 0.74 -14.27
CA PHE A 178 10.66 0.10 -13.07
C PHE A 178 11.79 -0.32 -12.14
N SER A 179 12.34 0.68 -11.46
CA SER A 179 13.41 0.46 -10.51
C SER A 179 13.25 1.40 -9.32
N LEU A 180 13.85 0.99 -8.21
CA LEU A 180 14.01 1.85 -7.04
C LEU A 180 14.50 3.24 -7.44
N LYS A 181 15.51 3.28 -8.30
CA LYS A 181 16.16 4.55 -8.60
C LYS A 181 15.25 5.47 -9.41
N SER A 182 14.53 4.91 -10.39
CA SER A 182 13.94 5.72 -11.45
C SER A 182 12.42 5.67 -11.55
N ARG A 183 11.72 4.90 -10.71
CA ARG A 183 10.26 4.91 -10.81
C ARG A 183 9.70 6.31 -10.60
N ALA A 184 10.17 7.01 -9.57
CA ALA A 184 9.56 8.29 -9.21
C ALA A 184 9.70 9.31 -10.32
N VAL A 185 10.86 9.31 -11.00
CA VAL A 185 11.08 10.32 -12.03
C VAL A 185 10.57 9.90 -13.40
N THR A 186 10.10 8.65 -13.56
CA THR A 186 9.54 8.21 -14.84
C THR A 186 8.05 7.87 -14.75
N GLN A 187 7.34 8.42 -13.77
CA GLN A 187 5.90 8.27 -13.71
C GLN A 187 5.27 8.81 -15.00
N ASN A 188 4.37 8.04 -15.58
CA ASN A 188 3.80 8.37 -16.88
C ASN A 188 2.36 8.84 -16.74
N GLU A 189 1.73 9.10 -17.90
CA GLU A 189 0.35 9.59 -17.90
C GLU A 189 -0.59 8.63 -17.19
N ARG A 190 -0.37 7.32 -17.35
N ARG A 190 -0.37 7.32 -17.33
CA ARG A 190 -1.23 6.34 -16.69
CA ARG A 190 -1.28 6.41 -16.67
C ARG A 190 -1.10 6.42 -15.17
C ARG A 190 -1.11 6.42 -15.15
N PHE A 191 0.11 6.68 -14.66
CA PHE A 191 0.30 6.84 -13.22
C PHE A 191 -0.60 7.94 -12.67
N TYR A 192 -0.60 9.11 -13.32
CA TYR A 192 -1.38 10.23 -12.83
C TYR A 192 -2.87 10.03 -13.08
N GLU A 193 -3.23 9.33 -14.16
CA GLU A 193 -4.63 8.98 -14.34
C GLU A 193 -5.12 8.09 -13.20
N PHE A 194 -4.33 7.09 -12.82
CA PHE A 194 -4.73 6.21 -11.73
C PHE A 194 -4.81 6.98 -10.42
N THR A 195 -3.78 7.77 -10.09
CA THR A 195 -3.81 8.44 -8.80
C THR A 195 -4.88 9.53 -8.75
N GLU A 196 -5.25 10.10 -9.90
CA GLU A 196 -6.34 11.07 -9.91
C GLU A 196 -7.69 10.40 -9.63
N VAL A 197 -7.90 9.19 -10.13
CA VAL A 197 -9.10 8.43 -9.77
C VAL A 197 -9.12 8.18 -8.27
N MET A 198 -7.95 7.87 -7.70
CA MET A 198 -7.85 7.68 -6.25
C MET A 198 -8.14 8.98 -5.49
N PHE A 199 -7.58 10.10 -5.95
CA PHE A 199 -7.85 11.38 -5.30
C PHE A 199 -9.34 11.69 -5.32
N ARG A 200 -10.00 11.46 -6.47
CA ARG A 200 -11.43 11.73 -6.59
C ARG A 200 -12.23 10.83 -5.65
N PHE A 201 -11.87 9.55 -5.59
CA PHE A 201 -12.59 8.62 -4.71
C PHE A 201 -12.43 9.03 -3.25
N LEU A 202 -11.18 9.29 -2.81
CA LEU A 202 -10.95 9.55 -1.39
C LEU A 202 -11.69 10.81 -0.94
N LYS A 203 -11.66 11.85 -1.77
CA LYS A 203 -12.34 13.09 -1.41
C LYS A 203 -13.86 12.88 -1.31
N ASN A 204 -14.44 12.13 -2.24
CA ASN A 204 -15.87 11.90 -2.21
C ASN A 204 -16.28 10.91 -1.13
N SER A 205 -15.46 9.87 -0.92
CA SER A 205 -15.89 8.76 -0.08
C SER A 205 -15.76 9.06 1.42
N TYR A 206 -14.80 9.90 1.81
CA TYR A 206 -14.51 10.15 3.22
C TYR A 206 -14.80 11.62 3.55
N LEU A 207 -16.07 11.98 3.62
CA LEU A 207 -16.46 13.32 4.06
C LEU A 207 -16.82 13.33 5.54
N GLU B 1 16.85 -3.95 -8.31
CA GLU B 1 15.44 -3.56 -8.09
C GLU B 1 15.47 -2.02 -8.05
#